data_6C32
#
_entry.id   6C32
#
_cell.length_a   63.531
_cell.length_b   63.531
_cell.length_c   227.542
_cell.angle_alpha   90.00
_cell.angle_beta   90.00
_cell.angle_gamma   120.00
#
_symmetry.space_group_name_H-M   'P 61 2 2'
#
loop_
_entity.id
_entity.type
_entity.pdbx_description
1 polymer 'Acetyltransferase, GNAT family protein'
2 non-polymer 'ACETYL COENZYME *A'
3 water water
#
_entity_poly.entity_id   1
_entity_poly.type   'polypeptide(L)'
_entity_poly.pdbx_seq_one_letter_code
;MHPGWPDTVGPLRVPAGVVGLRPVRMRDAAAWSRIRLADQHHLEPWEPMTGMDWKVRHAVTSWPSICSGLRAEARHGRML
PFVIELDGEFVGQLTIGNVTHGALRSAWIGYWVASSRTGGGIATAALAMGLDHCFTAVQLHRIEATVRPENTPSRAVLAH
VGFREEGLLKRYLEVDGAWRDHLLVAITAEELPQSAAHRLVAAGRAEWC
;
_entity_poly.pdbx_strand_id   A
#
loop_
_chem_comp.id
_chem_comp.type
_chem_comp.name
_chem_comp.formula
ACO non-polymer 'ACETYL COENZYME *A' 'C23 H38 N7 O17 P3 S'
#
# COMPACT_ATOMS: atom_id res chain seq x y z
N MET A 1 16.72 4.74 -13.61
CA MET A 1 15.47 5.43 -13.92
C MET A 1 14.35 4.97 -12.98
N HIS A 2 14.19 3.65 -12.78
CA HIS A 2 13.14 3.12 -11.92
C HIS A 2 13.58 1.83 -11.26
N PRO A 3 14.52 1.91 -10.31
CA PRO A 3 15.06 0.68 -9.71
C PRO A 3 14.01 -0.07 -8.90
N GLY A 4 14.06 -1.40 -8.98
CA GLY A 4 13.09 -2.23 -8.28
C GLY A 4 11.73 -2.31 -8.93
N TRP A 5 11.59 -1.79 -10.14
CA TRP A 5 10.36 -1.86 -10.91
C TRP A 5 10.67 -2.25 -12.35
N PRO A 6 9.89 -3.17 -12.94
CA PRO A 6 8.86 -3.94 -12.25
C PRO A 6 9.48 -5.12 -11.50
N ASP A 7 8.74 -5.69 -10.56
CA ASP A 7 9.24 -6.82 -9.79
C ASP A 7 8.05 -7.49 -9.10
N THR A 8 8.28 -8.70 -8.64
CA THR A 8 7.39 -9.37 -7.71
C THR A 8 8.08 -9.40 -6.35
N VAL A 9 7.28 -9.36 -5.29
CA VAL A 9 7.79 -9.31 -3.93
C VAL A 9 7.11 -10.40 -3.12
N GLY A 10 7.84 -10.97 -2.17
CA GLY A 10 7.33 -12.04 -1.34
C GLY A 10 7.82 -13.40 -1.80
N PRO A 11 7.08 -14.48 -1.48
CA PRO A 11 5.84 -14.47 -0.69
C PRO A 11 6.10 -14.58 0.80
N LEU A 12 5.08 -14.27 1.59
CA LEU A 12 5.07 -14.45 3.04
C LEU A 12 3.75 -15.11 3.41
N ARG A 13 3.80 -16.01 4.39
CA ARG A 13 2.58 -16.66 4.86
C ARG A 13 2.05 -15.91 6.08
N VAL A 14 0.75 -15.61 6.08
CA VAL A 14 0.09 -15.06 7.26
C VAL A 14 -1.12 -15.93 7.56
N PRO A 15 -1.85 -15.69 8.67
CA PRO A 15 -3.05 -16.52 8.92
C PRO A 15 -4.03 -16.58 7.75
N ALA A 16 -4.19 -15.48 7.01
CA ALA A 16 -5.11 -15.50 5.88
C ALA A 16 -4.62 -16.39 4.73
N GLY A 17 -3.32 -16.60 4.60
CA GLY A 17 -2.79 -17.38 3.50
C GLY A 17 -1.48 -16.83 3.01
N VAL A 18 -1.14 -17.12 1.76
CA VAL A 18 0.15 -16.71 1.18
C VAL A 18 0.00 -15.36 0.50
N VAL A 19 0.84 -14.41 0.88
CA VAL A 19 0.75 -13.02 0.42
C VAL A 19 1.97 -12.70 -0.44
N GLY A 20 1.73 -12.07 -1.60
CA GLY A 20 2.81 -11.50 -2.39
C GLY A 20 2.35 -10.24 -3.09
N LEU A 21 3.33 -9.52 -3.67
CA LEU A 21 3.08 -8.31 -4.43
C LEU A 21 3.51 -8.50 -5.88
N ARG A 22 2.76 -7.94 -6.81
CA ARG A 22 3.17 -7.96 -8.20
C ARG A 22 2.51 -6.79 -8.92
N PRO A 23 3.04 -6.39 -10.09
CA PRO A 23 2.52 -5.18 -10.75
C PRO A 23 1.05 -5.27 -11.13
N VAL A 24 0.38 -4.12 -11.04
CA VAL A 24 -0.95 -3.96 -11.64
C VAL A 24 -0.87 -4.37 -13.11
N ARG A 25 -1.96 -4.93 -13.64
CA ARG A 25 -1.99 -5.22 -15.07
C ARG A 25 -3.42 -5.07 -15.55
N MET A 26 -3.58 -5.14 -16.88
CA MET A 26 -4.86 -4.79 -17.48
C MET A 26 -5.96 -5.78 -17.11
N ARG A 27 -5.61 -7.06 -16.95
CA ARG A 27 -6.62 -8.07 -16.64
C ARG A 27 -7.13 -7.98 -15.20
N ASP A 28 -6.59 -7.09 -14.37
CA ASP A 28 -7.12 -6.89 -13.03
C ASP A 28 -8.46 -6.16 -13.03
N ALA A 29 -8.94 -5.70 -14.19
CA ALA A 29 -10.12 -4.85 -14.24
C ALA A 29 -11.32 -5.50 -13.55
N ALA A 30 -11.55 -6.79 -13.82
CA ALA A 30 -12.75 -7.44 -13.31
C ALA A 30 -12.71 -7.54 -11.80
N ALA A 31 -11.58 -7.96 -11.23
CA ALA A 31 -11.49 -8.16 -9.79
C ALA A 31 -11.40 -6.82 -9.06
N TRP A 32 -10.65 -5.87 -9.60
CA TRP A 32 -10.57 -4.53 -8.99
C TRP A 32 -11.95 -3.89 -8.92
N SER A 33 -12.71 -3.96 -10.02
CA SER A 33 -14.04 -3.36 -10.05
C SER A 33 -14.99 -4.08 -9.12
N ARG A 34 -14.98 -5.42 -9.15
CA ARG A 34 -15.89 -6.17 -8.29
C ARG A 34 -15.66 -5.86 -6.82
N ILE A 35 -14.40 -5.83 -6.39
CA ILE A 35 -14.11 -5.66 -4.96
C ILE A 35 -14.35 -4.22 -4.53
N ARG A 36 -13.88 -3.25 -5.32
CA ARG A 36 -14.06 -1.85 -4.93
C ARG A 36 -15.54 -1.48 -4.91
N LEU A 37 -16.32 -1.98 -5.89
CA LEU A 37 -17.76 -1.72 -5.85
C LEU A 37 -18.38 -2.32 -4.59
N ALA A 38 -18.10 -3.60 -4.33
CA ALA A 38 -18.71 -4.26 -3.18
C ALA A 38 -18.25 -3.67 -1.85
N ASP A 39 -17.02 -3.16 -1.78
CA ASP A 39 -16.44 -2.67 -0.54
C ASP A 39 -16.59 -1.16 -0.36
N GLN A 40 -17.53 -0.53 -1.08
CA GLN A 40 -17.57 0.93 -1.12
C GLN A 40 -17.58 1.54 0.28
N HIS A 41 -18.44 1.04 1.16
CA HIS A 41 -18.60 1.70 2.46
C HIS A 41 -17.48 1.38 3.44
N HIS A 42 -16.65 0.39 3.15
CA HIS A 42 -15.44 0.19 3.92
C HIS A 42 -14.28 1.03 3.45
N LEU A 43 -14.28 1.45 2.18
CA LEU A 43 -13.15 2.17 1.59
C LEU A 43 -13.37 3.68 1.55
N GLU A 44 -14.57 4.13 1.16
CA GLU A 44 -14.83 5.55 0.99
C GLU A 44 -14.45 6.43 2.19
N PRO A 45 -14.68 6.05 3.45
CA PRO A 45 -14.29 6.93 4.57
C PRO A 45 -12.79 7.15 4.70
N TRP A 46 -11.95 6.38 4.02
CA TRP A 46 -10.50 6.41 4.21
C TRP A 46 -9.76 6.65 2.92
N GLU A 47 -10.43 7.14 1.89
CA GLU A 47 -9.80 7.27 0.59
C GLU A 47 -9.92 8.70 0.09
N PRO A 48 -8.89 9.21 -0.59
CA PRO A 48 -8.98 10.55 -1.18
C PRO A 48 -10.17 10.65 -2.10
N MET A 49 -10.88 11.78 -2.02
CA MET A 49 -12.01 11.99 -2.90
C MET A 49 -11.55 12.13 -4.35
N THR A 50 -12.33 11.56 -5.27
CA THR A 50 -12.02 11.62 -6.69
C THR A 50 -12.87 12.65 -7.44
N GLY A 51 -13.88 13.23 -6.80
CA GLY A 51 -14.78 14.10 -7.52
C GLY A 51 -15.73 13.40 -8.47
N MET A 52 -15.81 12.07 -8.38
CA MET A 52 -16.67 11.25 -9.22
C MET A 52 -17.58 10.40 -8.35
N ASP A 53 -18.71 10.00 -8.93
CA ASP A 53 -19.54 8.98 -8.33
C ASP A 53 -18.76 7.68 -8.17
N TRP A 54 -18.94 7.00 -7.03
CA TRP A 54 -18.13 5.81 -6.73
C TRP A 54 -18.36 4.71 -7.76
N LYS A 55 -19.59 4.54 -8.24
CA LYS A 55 -19.88 3.45 -9.16
C LYS A 55 -19.41 3.74 -10.59
N VAL A 56 -19.45 5.00 -11.03
CA VAL A 56 -18.85 5.30 -12.34
C VAL A 56 -17.32 5.22 -12.27
N ARG A 57 -16.74 5.62 -11.12
CA ARG A 57 -15.29 5.56 -10.98
C ARG A 57 -14.77 4.13 -11.08
N HIS A 58 -15.54 3.16 -10.59
CA HIS A 58 -15.05 1.81 -10.39
C HIS A 58 -15.68 0.80 -11.35
N ALA A 59 -16.21 1.26 -12.47
CA ALA A 59 -16.66 0.36 -13.54
C ALA A 59 -15.47 -0.34 -14.18
N VAL A 60 -15.73 -1.54 -14.71
CA VAL A 60 -14.67 -2.34 -15.32
C VAL A 60 -13.95 -1.54 -16.40
N THR A 61 -14.70 -0.75 -17.16
CA THR A 61 -14.16 0.07 -18.23
C THR A 61 -13.30 1.23 -17.72
N SER A 62 -13.36 1.56 -16.43
CA SER A 62 -12.49 2.62 -15.93
C SER A 62 -11.06 2.16 -15.70
N TRP A 63 -10.82 0.85 -15.62
CA TRP A 63 -9.51 0.37 -15.19
C TRP A 63 -8.40 0.63 -16.20
N PRO A 64 -8.60 0.37 -17.51
CA PRO A 64 -7.47 0.56 -18.44
C PRO A 64 -6.80 1.91 -18.32
N SER A 65 -7.58 2.99 -18.20
CA SER A 65 -6.98 4.31 -18.06
C SER A 65 -6.24 4.46 -16.73
N ILE A 66 -6.83 3.94 -15.64
CA ILE A 66 -6.16 3.99 -14.35
C ILE A 66 -4.88 3.17 -14.37
N CYS A 67 -4.98 1.92 -14.84
CA CYS A 67 -3.81 1.05 -14.90
C CYS A 67 -2.72 1.67 -15.79
N SER A 68 -3.11 2.21 -16.95
CA SER A 68 -2.14 2.86 -17.84
C SER A 68 -1.42 4.01 -17.16
N GLY A 69 -2.15 4.83 -16.41
CA GLY A 69 -1.52 5.95 -15.73
C GLY A 69 -0.56 5.53 -14.64
N LEU A 70 -0.95 4.52 -13.85
CA LEU A 70 -0.07 3.98 -12.83
C LEU A 70 1.24 3.47 -13.42
N ARG A 71 1.14 2.69 -14.50
CA ARG A 71 2.36 2.15 -15.13
C ARG A 71 3.22 3.23 -15.75
N ALA A 72 2.59 4.29 -16.28
CA ALA A 72 3.35 5.41 -16.81
C ALA A 72 4.16 6.09 -15.70
N GLU A 73 3.51 6.36 -14.56
CA GLU A 73 4.22 6.88 -13.40
C GLU A 73 5.35 5.96 -12.98
N ALA A 74 5.09 4.64 -12.98
CA ALA A 74 6.12 3.68 -12.60
C ALA A 74 7.30 3.70 -13.57
N ARG A 75 7.05 3.82 -14.87
CA ARG A 75 8.22 3.78 -15.74
C ARG A 75 9.03 5.08 -15.69
N HIS A 76 8.46 6.15 -15.13
CA HIS A 76 9.24 7.35 -14.82
C HIS A 76 9.87 7.31 -13.44
N GLY A 77 9.73 6.20 -12.72
CA GLY A 77 10.35 6.07 -11.41
C GLY A 77 9.67 6.81 -10.28
N ARG A 78 8.44 7.29 -10.47
CA ARG A 78 7.77 8.06 -9.42
C ARG A 78 6.80 7.24 -8.57
N MET A 79 6.43 6.04 -9.02
CA MET A 79 5.50 5.20 -8.28
C MET A 79 5.87 3.74 -8.48
N LEU A 80 5.46 2.89 -7.53
CA LEU A 80 5.49 1.44 -7.71
C LEU A 80 4.10 0.92 -7.36
N PRO A 81 3.25 0.71 -8.37
CA PRO A 81 1.87 0.29 -8.11
C PRO A 81 1.70 -1.23 -8.06
N PHE A 82 1.65 -1.81 -6.85
CA PHE A 82 1.52 -3.25 -6.69
C PHE A 82 0.10 -3.65 -6.37
N VAL A 83 -0.25 -4.86 -6.79
CA VAL A 83 -1.43 -5.57 -6.35
C VAL A 83 -1.01 -6.50 -5.22
N ILE A 84 -1.82 -6.58 -4.16
CA ILE A 84 -1.64 -7.58 -3.11
C ILE A 84 -2.37 -8.84 -3.55
N GLU A 85 -1.66 -9.95 -3.63
CA GLU A 85 -2.24 -11.25 -3.94
C GLU A 85 -2.35 -12.08 -2.67
N LEU A 86 -3.50 -12.73 -2.48
CA LEU A 86 -3.67 -13.76 -1.46
C LEU A 86 -3.89 -15.09 -2.17
N ASP A 87 -2.97 -16.03 -1.98
CA ASP A 87 -3.02 -17.31 -2.69
C ASP A 87 -3.19 -17.10 -4.19
N GLY A 88 -2.43 -16.15 -4.74
CA GLY A 88 -2.42 -15.88 -6.16
C GLY A 88 -3.57 -15.02 -6.69
N GLU A 89 -4.48 -14.59 -5.83
CA GLU A 89 -5.66 -13.82 -6.24
C GLU A 89 -5.59 -12.39 -5.74
N PHE A 90 -5.99 -11.45 -6.60
CA PHE A 90 -6.15 -10.04 -6.27
C PHE A 90 -7.00 -9.85 -5.01
N VAL A 91 -6.43 -9.25 -3.96
CA VAL A 91 -7.19 -8.92 -2.75
C VAL A 91 -6.98 -7.49 -2.30
N GLY A 92 -6.22 -6.68 -3.03
CA GLY A 92 -5.97 -5.32 -2.61
C GLY A 92 -4.79 -4.76 -3.38
N GLN A 93 -4.35 -3.58 -2.93
CA GLN A 93 -3.24 -2.88 -3.57
C GLN A 93 -2.30 -2.34 -2.51
N LEU A 94 -1.04 -2.24 -2.91
CA LEU A 94 0.03 -1.61 -2.14
C LEU A 94 0.73 -0.67 -3.10
N THR A 95 0.68 0.63 -2.82
CA THR A 95 1.23 1.64 -3.73
C THR A 95 2.32 2.41 -3.03
N ILE A 96 3.50 2.46 -3.66
CA ILE A 96 4.57 3.36 -3.27
C ILE A 96 4.51 4.55 -4.20
N GLY A 97 4.44 5.76 -3.63
CA GLY A 97 4.20 6.95 -4.41
C GLY A 97 5.17 8.07 -4.08
N ASN A 98 5.20 9.07 -4.96
CA ASN A 98 6.05 10.25 -4.79
C ASN A 98 7.50 9.84 -4.55
N VAL A 99 7.99 8.87 -5.34
CA VAL A 99 9.35 8.38 -5.18
C VAL A 99 10.35 9.43 -5.63
N THR A 100 11.31 9.74 -4.79
CA THR A 100 12.39 10.63 -5.17
C THR A 100 13.70 9.93 -4.84
N HIS A 101 14.75 10.32 -5.57
CA HIS A 101 16.07 9.81 -5.23
C HIS A 101 16.94 10.98 -4.78
N GLY A 102 18.13 11.14 -5.38
CA GLY A 102 18.93 12.32 -5.07
C GLY A 102 19.35 12.34 -3.61
N ALA A 103 19.20 13.50 -2.97
CA ALA A 103 19.57 13.62 -1.57
C ALA A 103 18.41 13.29 -0.64
N LEU A 104 17.26 12.90 -1.19
CA LEU A 104 16.08 12.62 -0.39
C LEU A 104 15.77 11.13 -0.29
N ARG A 105 15.66 10.42 -1.42
CA ARG A 105 15.52 8.96 -1.42
C ARG A 105 14.35 8.53 -0.53
N SER A 106 13.20 9.13 -0.78
CA SER A 106 12.04 8.90 0.07
C SER A 106 10.82 8.66 -0.81
N ALA A 107 9.76 8.12 -0.19
CA ALA A 107 8.48 7.90 -0.84
C ALA A 107 7.43 7.73 0.24
N TRP A 108 6.16 7.81 -0.15
CA TRP A 108 5.08 7.37 0.72
C TRP A 108 4.57 5.99 0.31
N ILE A 109 3.87 5.34 1.25
CA ILE A 109 3.32 4.01 1.03
C ILE A 109 1.86 4.01 1.46
N GLY A 110 1.00 3.37 0.66
CA GLY A 110 -0.41 3.25 0.99
C GLY A 110 -0.92 1.88 0.61
N TYR A 111 -2.08 1.49 1.14
CA TYR A 111 -2.57 0.14 0.92
C TYR A 111 -4.06 0.06 1.24
N TRP A 112 -4.68 -1.01 0.73
CA TRP A 112 -6.02 -1.37 1.14
C TRP A 112 -6.19 -2.86 0.87
N VAL A 113 -7.07 -3.50 1.65
CA VAL A 113 -7.34 -4.92 1.55
C VAL A 113 -8.85 -5.12 1.56
N ALA A 114 -9.34 -6.00 0.68
CA ALA A 114 -10.76 -6.32 0.63
C ALA A 114 -11.28 -6.69 2.02
N SER A 115 -12.41 -6.07 2.40
CA SER A 115 -12.89 -6.17 3.77
C SER A 115 -13.14 -7.62 4.18
N SER A 116 -13.58 -8.46 3.25
CA SER A 116 -13.86 -9.86 3.56
C SER A 116 -12.60 -10.63 3.92
N ARG A 117 -11.41 -10.09 3.63
CA ARG A 117 -10.16 -10.74 3.95
C ARG A 117 -9.38 -10.04 5.07
N THR A 118 -10.01 -9.10 5.78
CA THR A 118 -9.27 -8.34 6.77
C THR A 118 -9.13 -9.13 8.06
N GLY A 119 -8.24 -8.65 8.93
CA GLY A 119 -7.98 -9.30 10.20
C GLY A 119 -7.19 -10.58 10.09
N GLY A 120 -6.53 -10.81 8.96
CA GLY A 120 -5.74 -12.01 8.77
C GLY A 120 -4.26 -11.74 8.53
N GLY A 121 -3.82 -10.50 8.77
CA GLY A 121 -2.42 -10.13 8.65
C GLY A 121 -1.95 -9.77 7.26
N ILE A 122 -2.87 -9.60 6.29
CA ILE A 122 -2.48 -9.36 4.90
C ILE A 122 -1.83 -7.98 4.75
N ALA A 123 -2.50 -6.92 5.23
CA ALA A 123 -1.94 -5.58 5.06
C ALA A 123 -0.58 -5.46 5.74
N THR A 124 -0.44 -6.07 6.91
CA THR A 124 0.82 -6.01 7.63
C THR A 124 1.93 -6.68 6.84
N ALA A 125 1.65 -7.86 6.27
CA ALA A 125 2.64 -8.56 5.44
C ALA A 125 2.93 -7.78 4.17
N ALA A 126 1.89 -7.27 3.50
CA ALA A 126 2.09 -6.46 2.30
C ALA A 126 2.99 -5.26 2.58
N LEU A 127 2.74 -4.56 3.69
CA LEU A 127 3.53 -3.40 4.07
C LEU A 127 4.97 -3.77 4.41
N ALA A 128 5.15 -4.86 5.14
CA ALA A 128 6.50 -5.30 5.49
C ALA A 128 7.31 -5.62 4.24
N MET A 129 6.72 -6.38 3.32
CA MET A 129 7.52 -6.74 2.14
C MET A 129 7.65 -5.56 1.20
N GLY A 130 6.68 -4.65 1.17
CA GLY A 130 6.84 -3.42 0.40
C GLY A 130 7.98 -2.56 0.92
N LEU A 131 8.04 -2.40 2.25
CA LEU A 131 9.13 -1.66 2.87
C LEU A 131 10.48 -2.28 2.56
N ASP A 132 10.59 -3.61 2.73
CA ASP A 132 11.86 -4.27 2.47
C ASP A 132 12.30 -4.07 1.03
N HIS A 133 11.36 -4.08 0.09
CA HIS A 133 11.68 -3.83 -1.31
C HIS A 133 12.20 -2.41 -1.51
N CYS A 134 11.53 -1.43 -0.89
CA CYS A 134 11.96 -0.04 -1.02
C CYS A 134 13.37 0.17 -0.49
N PHE A 135 13.70 -0.49 0.62
CA PHE A 135 14.99 -0.28 1.26
C PHE A 135 16.10 -1.12 0.66
N THR A 136 15.78 -2.01 -0.29
CA THR A 136 16.80 -2.75 -1.00
C THR A 136 16.75 -2.37 -2.48
N ALA A 137 15.79 -2.95 -3.21
CA ALA A 137 15.75 -2.80 -4.66
C ALA A 137 15.51 -1.37 -5.12
N VAL A 138 14.65 -0.61 -4.42
CA VAL A 138 14.36 0.74 -4.89
C VAL A 138 15.42 1.73 -4.42
N GLN A 139 16.36 1.29 -3.58
CA GLN A 139 17.48 2.10 -3.10
C GLN A 139 17.00 3.31 -2.31
N LEU A 140 15.86 3.20 -1.65
CA LEU A 140 15.34 4.30 -0.85
C LEU A 140 15.88 4.25 0.58
N HIS A 141 15.90 5.42 1.20
CA HIS A 141 16.35 5.62 2.57
C HIS A 141 15.19 5.71 3.55
N ARG A 142 14.03 6.19 3.10
CA ARG A 142 12.95 6.58 4.00
C ARG A 142 11.61 6.28 3.35
N ILE A 143 10.67 5.77 4.14
CA ILE A 143 9.29 5.60 3.69
C ILE A 143 8.36 6.26 4.71
N GLU A 144 7.44 7.09 4.24
CA GLU A 144 6.45 7.72 5.11
C GLU A 144 5.06 7.25 4.72
N ALA A 145 4.10 7.51 5.61
CA ALA A 145 2.70 7.24 5.32
C ALA A 145 1.88 8.30 6.03
N THR A 146 0.70 8.60 5.48
CA THR A 146 -0.25 9.48 6.14
C THR A 146 -1.52 8.68 6.42
N VAL A 147 -2.11 8.95 7.59
CA VAL A 147 -3.22 8.14 8.07
C VAL A 147 -4.06 8.97 9.03
N ARG A 148 -5.38 8.95 8.85
CA ARG A 148 -6.24 9.71 9.75
C ARG A 148 -6.10 9.16 11.17
N PRO A 149 -6.03 10.02 12.18
CA PRO A 149 -6.00 9.54 13.58
C PRO A 149 -7.11 8.57 13.88
N GLU A 150 -8.28 8.76 13.26
CA GLU A 150 -9.44 7.89 13.46
C GLU A 150 -9.24 6.50 12.86
N ASN A 151 -8.30 6.34 11.92
CA ASN A 151 -8.12 5.06 11.22
C ASN A 151 -7.30 4.11 12.09
N THR A 152 -7.93 3.68 13.19
CA THR A 152 -7.25 2.80 14.14
C THR A 152 -6.74 1.51 13.51
N PRO A 153 -7.48 0.82 12.62
CA PRO A 153 -6.91 -0.39 11.98
C PRO A 153 -5.64 -0.11 11.19
N SER A 154 -5.61 0.96 10.40
CA SER A 154 -4.39 1.23 9.62
C SER A 154 -3.23 1.60 10.52
N ARG A 155 -3.50 2.35 11.60
CA ARG A 155 -2.45 2.68 12.55
C ARG A 155 -1.87 1.44 13.20
N ALA A 156 -2.71 0.43 13.44
CA ALA A 156 -2.22 -0.84 13.96
C ALA A 156 -1.25 -1.50 12.98
N VAL A 157 -1.64 -1.55 11.69
CA VAL A 157 -0.77 -2.10 10.66
C VAL A 157 0.59 -1.41 10.66
N LEU A 158 0.59 -0.07 10.68
CA LEU A 158 1.84 0.68 10.66
C LEU A 158 2.66 0.42 11.91
N ALA A 159 2.00 0.32 13.07
CA ALA A 159 2.72 0.02 14.30
C ALA A 159 3.35 -1.37 14.27
N HIS A 160 2.69 -2.36 13.63
CA HIS A 160 3.24 -3.71 13.53
C HIS A 160 4.63 -3.70 12.91
N VAL A 161 4.84 -2.84 11.90
CA VAL A 161 6.08 -2.80 11.13
C VAL A 161 7.11 -1.84 11.74
N GLY A 162 6.70 -1.00 12.69
CA GLY A 162 7.62 -0.13 13.39
C GLY A 162 7.63 1.33 12.97
N PHE A 163 6.59 1.82 12.30
CA PHE A 163 6.57 3.23 11.91
C PHE A 163 6.52 4.15 13.15
N ARG A 164 7.23 5.27 13.06
CA ARG A 164 7.23 6.30 14.10
C ARG A 164 6.31 7.46 13.71
N GLU A 165 5.56 7.99 14.68
CA GLU A 165 4.82 9.22 14.41
C GLU A 165 5.78 10.40 14.33
N GLU A 166 5.69 11.19 13.25
CA GLU A 166 6.55 12.36 13.08
C GLU A 166 5.79 13.69 13.13
N GLY A 167 4.50 13.69 12.85
CA GLY A 167 3.79 14.97 12.87
C GLY A 167 2.31 14.79 12.66
N LEU A 168 1.60 15.92 12.73
CA LEU A 168 0.17 15.97 12.46
C LEU A 168 -0.07 17.01 11.37
N LEU A 169 -0.60 16.56 10.23
CA LEU A 169 -0.83 17.41 9.07
C LEU A 169 -2.26 17.90 9.11
N LYS A 170 -2.44 19.20 9.36
CA LYS A 170 -3.77 19.75 9.53
C LYS A 170 -4.47 19.87 8.19
N ARG A 171 -5.72 19.42 8.12
CA ARG A 171 -6.58 19.61 6.95
C ARG A 171 -5.85 19.16 5.69
N TYR A 172 -5.27 17.97 5.76
CA TYR A 172 -4.25 17.56 4.81
C TYR A 172 -4.85 17.08 3.49
N LEU A 173 -5.90 16.26 3.55
CA LEU A 173 -6.44 15.59 2.38
C LEU A 173 -7.96 15.61 2.40
N GLU A 174 -8.56 15.86 1.24
CA GLU A 174 -10.01 15.82 1.10
C GLU A 174 -10.48 14.38 1.19
N VAL A 175 -11.15 14.03 2.29
CA VAL A 175 -11.59 12.66 2.51
C VAL A 175 -12.99 12.68 3.12
N ASP A 176 -13.91 11.91 2.54
CA ASP A 176 -15.24 11.74 3.12
C ASP A 176 -15.91 13.09 3.36
N GLY A 177 -15.79 14.00 2.39
CA GLY A 177 -16.51 15.24 2.39
C GLY A 177 -15.89 16.41 3.14
N ALA A 178 -14.61 16.34 3.53
CA ALA A 178 -13.96 17.45 4.22
C ALA A 178 -12.44 17.28 4.21
N TRP A 179 -11.73 18.39 4.39
CA TRP A 179 -10.28 18.32 4.60
C TRP A 179 -9.99 17.74 5.98
N ARG A 180 -9.30 16.61 6.03
CA ARG A 180 -9.11 15.88 7.28
C ARG A 180 -7.64 15.87 7.71
N ASP A 181 -7.42 16.06 9.00
CA ASP A 181 -6.10 15.87 9.57
C ASP A 181 -5.59 14.46 9.28
N HIS A 182 -4.29 14.35 9.01
CA HIS A 182 -3.65 13.05 8.86
C HIS A 182 -2.39 13.05 9.70
N LEU A 183 -2.17 11.99 10.45
CA LEU A 183 -0.88 11.78 11.07
C LEU A 183 0.16 11.47 9.99
N LEU A 184 1.40 11.89 10.23
CA LEU A 184 2.52 11.55 9.38
C LEU A 184 3.41 10.59 10.17
N VAL A 185 3.63 9.39 9.62
CA VAL A 185 4.49 8.40 10.24
C VAL A 185 5.59 8.06 9.27
N ALA A 186 6.72 7.60 9.80
CA ALA A 186 7.87 7.32 8.94
C ALA A 186 8.77 6.26 9.54
N ILE A 187 9.62 5.70 8.68
CA ILE A 187 10.66 4.75 9.08
C ILE A 187 11.80 4.87 8.08
N THR A 188 13.03 4.70 8.56
CA THR A 188 14.19 4.78 7.69
C THR A 188 14.93 3.46 7.69
N ALA A 189 15.74 3.26 6.64
CA ALA A 189 16.38 1.96 6.43
C ALA A 189 17.27 1.61 7.62
N GLU A 190 17.92 2.60 8.23
CA GLU A 190 18.85 2.32 9.34
C GLU A 190 18.14 2.04 10.66
N GLU A 191 16.81 2.07 10.68
CA GLU A 191 16.01 1.63 11.83
C GLU A 191 15.71 0.13 11.80
N LEU A 192 16.15 -0.58 10.78
CA LEU A 192 15.81 -2.00 10.63
C LEU A 192 17.07 -2.83 10.90
N PRO A 193 17.30 -3.27 12.14
CA PRO A 193 18.36 -4.24 12.37
C PRO A 193 18.12 -5.48 11.55
N GLN A 194 16.84 -5.77 11.34
CA GLN A 194 16.32 -6.92 10.63
C GLN A 194 15.34 -6.40 9.59
N SER A 195 15.10 -7.19 8.55
CA SER A 195 14.05 -6.82 7.60
C SER A 195 12.70 -6.78 8.30
N ALA A 196 11.74 -6.07 7.68
CA ALA A 196 10.39 -5.99 8.24
C ALA A 196 9.72 -7.36 8.24
N ALA A 197 9.97 -8.16 7.20
CA ALA A 197 9.44 -9.52 7.16
C ALA A 197 10.00 -10.34 8.33
N HIS A 198 11.30 -10.23 8.56
CA HIS A 198 11.93 -10.96 9.66
C HIS A 198 11.33 -10.55 10.99
N ARG A 199 11.06 -9.25 11.16
CA ARG A 199 10.40 -8.75 12.35
C ARG A 199 9.01 -9.36 12.53
N LEU A 200 8.26 -9.50 11.43
CA LEU A 200 6.94 -10.13 11.50
C LEU A 200 7.05 -11.59 11.93
N VAL A 201 8.00 -12.32 11.35
CA VAL A 201 8.18 -13.73 11.69
C VAL A 201 8.55 -13.89 13.15
N ALA A 202 9.47 -13.03 13.64
CA ALA A 202 9.89 -13.12 15.03
C ALA A 202 8.73 -12.81 15.98
N ALA A 203 7.78 -11.97 15.57
CA ALA A 203 6.65 -11.62 16.40
C ALA A 203 5.50 -12.62 16.28
N GLY A 204 5.64 -13.63 15.43
CA GLY A 204 4.56 -14.58 15.27
C GLY A 204 3.43 -14.11 14.37
N ARG A 205 3.66 -13.05 13.57
CA ARG A 205 2.62 -12.49 12.71
C ARG A 205 2.72 -12.99 11.27
N ALA A 206 3.79 -13.70 10.92
CA ALA A 206 3.97 -14.28 9.60
C ALA A 206 4.88 -15.49 9.74
N GLU A 207 5.01 -16.25 8.66
CA GLU A 207 5.95 -17.36 8.59
C GLU A 207 6.62 -17.33 7.23
N TRP A 208 7.89 -17.79 7.20
CA TRP A 208 8.57 -17.96 5.92
C TRP A 208 7.85 -19.00 5.07
N CYS A 209 7.97 -18.86 3.76
CA CYS A 209 7.00 -19.46 2.88
C CYS A 209 7.51 -19.61 1.45
N1A ACO B . -9.20 -0.85 16.61
C2A ACO B . -8.00 -1.39 16.89
N3A ACO B . -7.47 -2.37 16.14
C4A ACO B . -8.16 -2.85 15.06
C5A ACO B . -9.40 -2.33 14.74
C6A ACO B . -9.91 -1.28 15.56
N6A ACO B . -11.24 -0.68 15.26
N7A ACO B . -9.83 -2.96 13.66
C8A ACO B . -8.91 -3.85 13.32
N9A ACO B . -7.91 -3.79 14.18
C1B ACO B . -6.67 -4.61 14.17
C2B ACO B . -6.80 -5.79 13.69
O2B ACO B . -7.29 -6.77 14.68
C3B ACO B . -5.25 -6.14 13.25
O3B ACO B . -4.43 -6.27 14.45
P3B ACO B . -4.27 -7.67 15.33
O7A ACO B . -5.58 -8.02 16.05
O8A ACO B . -3.13 -7.39 16.31
O9A ACO B . -3.91 -8.84 14.43
C4B ACO B . -4.82 -5.05 12.65
O4B ACO B . -5.74 -3.92 13.11
C5B ACO B . -4.97 -5.16 11.09
O5B ACO B . -3.75 -5.79 10.72
P1A ACO B . -3.83 -6.72 9.38
O1A ACO B . -2.44 -6.99 8.88
O2A ACO B . -4.65 -7.95 9.70
O3A ACO B . -4.59 -5.72 8.35
P2A ACO B . -5.81 -6.03 7.31
O4A ACO B . -5.41 -7.11 6.33
O5A ACO B . -7.04 -6.38 8.17
O6A ACO B . -6.07 -4.60 6.52
CBP ACO B . -6.68 -2.25 6.42
CCP ACO B . -6.22 -3.42 7.33
CDP ACO B . -6.78 -0.99 7.26
CEP ACO B . -5.63 -2.05 5.29
CAP ACO B . -8.03 -2.62 5.81
OAP ACO B . -9.04 -2.69 6.86
C9P ACO B . -8.50 -1.64 4.79
O9P ACO B . -8.16 -1.78 3.62
N8P ACO B . -9.35 -0.53 5.22
C7P ACO B . -9.90 0.49 4.33
C6P ACO B . -8.81 1.24 3.54
C5P ACO B . -7.74 1.83 4.49
O5P ACO B . -8.03 2.30 5.60
N4P ACO B . -6.35 1.80 4.03
C3P ACO B . -5.26 2.39 4.91
C2P ACO B . -5.38 3.93 4.67
S1P ACO B . -3.92 4.73 5.42
C ACO B . -2.48 4.07 4.51
O ACO B . -2.64 3.47 3.48
CH3 ACO B . -1.06 4.33 5.09
#